data_1N75
#
_entry.id   1N75
#
_cell.length_a   82.715
_cell.length_b   84.062
_cell.length_c   83.447
_cell.angle_alpha   90.00
_cell.angle_beta   90.00
_cell.angle_gamma   90.00
#
_symmetry.space_group_name_H-M   'P 21 21 21'
#
loop_
_entity.id
_entity.type
_entity.pdbx_description
1 polymer 'Glutamyl-tRNA synthetase'
2 non-polymer 'MAGNESIUM ION'
3 non-polymer "ADENOSINE-5'-TRIPHOSPHATE"
4 water water
#
_entity_poly.entity_id   1
_entity_poly.type   'polypeptide(L)'
_entity_poly.pdbx_seq_one_letter_code
;MVVTRIAPSPTGDPHVGTAYIALFNYAWARRNGGRFIVRIEDTDRARYVPGAEERILAALKWLGLSYDEGPDVGGPHGPY
RQSERLPLYQKYAEELLKRGWAYRAFETPEELEQIRKEKGGYDGRARNIPPEEAEERARRGEPHVIRLKVPRPGTTEVKD
ELRGVVVYDNQEIPDVVLLKSDGYPTYHLANVVDDHLMGVTDVIRAEEWLVSTPIHVLLYRAFGWEAPRFYHMPLLRNPD
KTKISKRKSHTSLDWYKAEGFLPEALRNYLCLMGFSMPDGREIFTLEEFIQAFTWERVSLGGPVFDLEKLRWMNGKYIRE
VLSLEEVAERVKPFLREAGLSWESEAYLRRAVELMRPRFDTLKEFPEKARYLFTEDYPVSEKAQRKLEEGLPLLKELYPR
LRAQEEWTEAALEALLRGFAAEKGVKLGQVAQPLRAALTGSLETPGLFEILALLGKERALRRLERALA
;
_entity_poly.pdbx_strand_id   A
#
loop_
_chem_comp.id
_chem_comp.type
_chem_comp.name
_chem_comp.formula
ATP non-polymer ADENOSINE-5'-TRIPHOSPHATE 'C10 H16 N5 O13 P3'
MG non-polymer 'MAGNESIUM ION' 'Mg 2'
#
# COMPACT_ATOMS: atom_id res chain seq x y z
N MET A 1 -18.17 -15.90 -17.68
CA MET A 1 -18.04 -15.03 -16.48
C MET A 1 -16.59 -14.58 -16.26
N VAL A 2 -16.41 -13.34 -15.86
CA VAL A 2 -15.08 -12.81 -15.61
C VAL A 2 -14.51 -13.33 -14.29
N VAL A 3 -13.28 -13.83 -14.32
CA VAL A 3 -12.60 -14.32 -13.13
C VAL A 3 -11.21 -13.71 -13.14
N THR A 4 -10.91 -12.92 -12.11
CA THR A 4 -9.61 -12.28 -11.99
C THR A 4 -8.91 -12.80 -10.75
N ARG A 5 -7.64 -12.46 -10.61
CA ARG A 5 -6.88 -12.88 -9.44
C ARG A 5 -5.71 -11.95 -9.16
N ILE A 6 -5.12 -12.18 -7.99
CA ILE A 6 -3.91 -11.51 -7.57
C ILE A 6 -3.09 -12.67 -7.04
N ALA A 7 -1.79 -12.62 -7.27
CA ALA A 7 -0.89 -13.68 -6.84
C ALA A 7 0.26 -13.07 -6.08
N PRO A 8 0.02 -12.60 -4.85
CA PRO A 8 1.06 -11.98 -4.04
C PRO A 8 2.04 -12.97 -3.43
N SER A 9 3.30 -12.55 -3.33
CA SER A 9 4.36 -13.37 -2.75
C SER A 9 4.53 -12.89 -1.31
N PRO A 10 4.48 -13.80 -0.33
CA PRO A 10 4.63 -13.42 1.07
C PRO A 10 6.11 -13.34 1.41
N THR A 11 6.79 -12.35 0.84
CA THR A 11 8.22 -12.21 1.06
C THR A 11 8.63 -11.03 1.94
N GLY A 12 7.65 -10.34 2.50
CA GLY A 12 7.95 -9.21 3.35
C GLY A 12 6.70 -8.45 3.74
N ASP A 13 6.74 -7.11 3.65
CA ASP A 13 5.59 -6.29 4.00
C ASP A 13 4.57 -6.28 2.87
N PRO A 14 3.29 -6.04 3.20
CA PRO A 14 2.24 -6.00 2.16
C PRO A 14 2.60 -4.77 1.31
N HIS A 15 2.84 -4.99 0.03
CA HIS A 15 3.25 -3.91 -0.87
C HIS A 15 2.08 -3.10 -1.42
N VAL A 16 2.26 -1.80 -1.53
CA VAL A 16 1.23 -0.93 -2.07
C VAL A 16 0.96 -1.30 -3.53
N GLY A 17 1.98 -1.82 -4.22
CA GLY A 17 1.80 -2.22 -5.60
C GLY A 17 0.81 -3.37 -5.69
N THR A 18 0.79 -4.19 -4.65
CA THR A 18 -0.13 -5.32 -4.61
C THR A 18 -1.56 -4.81 -4.42
N ALA A 19 -1.73 -3.78 -3.60
CA ALA A 19 -3.05 -3.22 -3.36
C ALA A 19 -3.56 -2.60 -4.65
N TYR A 20 -2.66 -1.91 -5.35
CA TYR A 20 -2.96 -1.25 -6.60
C TYR A 20 -3.46 -2.27 -7.63
N ILE A 21 -2.70 -3.34 -7.81
CA ILE A 21 -3.08 -4.37 -8.76
C ILE A 21 -4.36 -5.09 -8.32
N ALA A 22 -4.47 -5.33 -7.02
CA ALA A 22 -5.66 -6.01 -6.48
C ALA A 22 -6.91 -5.18 -6.71
N LEU A 23 -6.79 -3.87 -6.52
CA LEU A 23 -7.91 -2.94 -6.69
C LEU A 23 -8.50 -3.05 -8.10
N PHE A 24 -7.65 -3.04 -9.11
CA PHE A 24 -8.16 -3.14 -10.47
C PHE A 24 -8.70 -4.51 -10.82
N ASN A 25 -8.15 -5.54 -10.21
CA ASN A 25 -8.63 -6.90 -10.45
C ASN A 25 -10.01 -7.05 -9.84
N TYR A 26 -10.16 -6.51 -8.63
CA TYR A 26 -11.41 -6.56 -7.90
C TYR A 26 -12.50 -5.78 -8.64
N ALA A 27 -12.16 -4.58 -9.11
CA ALA A 27 -13.13 -3.75 -9.82
C ALA A 27 -13.58 -4.36 -11.16
N TRP A 28 -12.65 -4.90 -11.93
CA TRP A 28 -13.00 -5.49 -13.21
C TRP A 28 -13.94 -6.67 -13.00
N ALA A 29 -13.67 -7.46 -11.95
CA ALA A 29 -14.52 -8.60 -11.65
C ALA A 29 -15.91 -8.15 -11.19
N ARG A 30 -15.98 -7.24 -10.22
CA ARG A 30 -17.27 -6.79 -9.71
C ARG A 30 -18.12 -6.06 -10.76
N ARG A 31 -17.47 -5.30 -11.64
CA ARG A 31 -18.19 -4.58 -12.68
C ARG A 31 -18.84 -5.55 -13.65
N ASN A 32 -18.25 -6.74 -13.79
CA ASN A 32 -18.78 -7.75 -14.69
C ASN A 32 -19.56 -8.85 -13.99
N GLY A 33 -19.84 -8.65 -12.71
CA GLY A 33 -20.58 -9.64 -11.95
C GLY A 33 -19.82 -10.95 -11.82
N GLY A 34 -18.49 -10.90 -11.91
CA GLY A 34 -17.67 -12.10 -11.81
C GLY A 34 -17.03 -12.40 -10.47
N ARG A 35 -15.89 -13.10 -10.51
CA ARG A 35 -15.18 -13.48 -9.30
C ARG A 35 -13.73 -13.00 -9.25
N PHE A 36 -13.26 -12.73 -8.03
CA PHE A 36 -11.90 -12.25 -7.76
C PHE A 36 -11.29 -13.23 -6.77
N ILE A 37 -10.18 -13.86 -7.15
CA ILE A 37 -9.56 -14.83 -6.26
C ILE A 37 -8.13 -14.51 -5.86
N VAL A 38 -7.73 -15.02 -4.69
CA VAL A 38 -6.38 -14.79 -4.20
C VAL A 38 -5.62 -16.11 -4.17
N ARG A 39 -4.43 -16.11 -4.76
CA ARG A 39 -3.59 -17.29 -4.82
C ARG A 39 -2.20 -16.85 -4.32
N ILE A 40 -1.72 -17.49 -3.26
CA ILE A 40 -0.42 -17.14 -2.70
C ILE A 40 0.74 -17.76 -3.46
N GLU A 41 1.65 -16.92 -3.93
CA GLU A 41 2.83 -17.39 -4.66
C GLU A 41 3.93 -17.53 -3.61
N ASP A 42 3.95 -18.66 -2.92
CA ASP A 42 4.94 -18.89 -1.87
C ASP A 42 5.95 -20.01 -2.16
N THR A 43 6.42 -20.07 -3.40
CA THR A 43 7.41 -21.08 -3.78
C THR A 43 8.83 -20.71 -3.35
N ASP A 44 9.12 -19.40 -3.28
CA ASP A 44 10.45 -18.94 -2.88
C ASP A 44 10.68 -19.24 -1.40
N ARG A 45 11.21 -20.44 -1.13
CA ARG A 45 11.48 -20.87 0.23
C ARG A 45 12.67 -20.15 0.84
N ALA A 46 13.22 -19.20 0.09
CA ALA A 46 14.37 -18.43 0.56
C ALA A 46 13.92 -17.08 1.09
N ARG A 47 12.92 -16.48 0.44
CA ARG A 47 12.44 -15.17 0.87
C ARG A 47 11.16 -15.23 1.69
N TYR A 48 10.68 -16.42 1.96
CA TYR A 48 9.46 -16.58 2.73
C TYR A 48 9.54 -15.94 4.12
N VAL A 49 8.48 -15.23 4.49
CA VAL A 49 8.41 -14.54 5.78
C VAL A 49 7.16 -14.98 6.54
N PRO A 50 7.34 -15.60 7.72
CA PRO A 50 6.22 -16.05 8.55
C PRO A 50 5.31 -14.91 8.96
N GLY A 51 4.03 -15.00 8.59
CA GLY A 51 3.09 -13.96 8.94
C GLY A 51 2.86 -12.98 7.81
N ALA A 52 3.70 -13.07 6.78
CA ALA A 52 3.60 -12.19 5.62
C ALA A 52 2.30 -12.44 4.87
N GLU A 53 1.92 -13.71 4.74
CA GLU A 53 0.67 -14.04 4.04
C GLU A 53 -0.50 -13.40 4.77
N GLU A 54 -0.58 -13.65 6.07
CA GLU A 54 -1.67 -13.10 6.87
C GLU A 54 -1.73 -11.58 6.79
N ARG A 55 -0.57 -10.94 6.82
CA ARG A 55 -0.51 -9.48 6.74
C ARG A 55 -1.01 -8.92 5.42
N ILE A 56 -0.70 -9.61 4.32
CA ILE A 56 -1.17 -9.17 3.00
C ILE A 56 -2.67 -9.35 2.91
N LEU A 57 -3.18 -10.48 3.40
CA LEU A 57 -4.61 -10.73 3.36
C LEU A 57 -5.34 -9.69 4.20
N ALA A 58 -4.79 -9.39 5.38
CA ALA A 58 -5.39 -8.41 6.27
C ALA A 58 -5.41 -7.02 5.64
N ALA A 59 -4.33 -6.66 4.96
CA ALA A 59 -4.22 -5.36 4.32
C ALA A 59 -5.25 -5.18 3.21
N LEU A 60 -5.52 -6.23 2.44
CA LEU A 60 -6.50 -6.13 1.37
C LEU A 60 -7.89 -5.84 1.98
N LYS A 61 -8.20 -6.53 3.07
CA LYS A 61 -9.48 -6.36 3.73
C LYS A 61 -9.57 -4.99 4.41
N TRP A 62 -8.46 -4.53 4.95
CA TRP A 62 -8.41 -3.22 5.60
C TRP A 62 -8.76 -2.15 4.56
N LEU A 63 -8.27 -2.31 3.34
CA LEU A 63 -8.55 -1.36 2.27
C LEU A 63 -10.00 -1.37 1.80
N GLY A 64 -10.75 -2.40 2.18
CA GLY A 64 -12.15 -2.47 1.78
C GLY A 64 -12.41 -3.44 0.65
N LEU A 65 -11.38 -4.16 0.22
CA LEU A 65 -11.54 -5.13 -0.84
C LEU A 65 -12.01 -6.44 -0.21
N SER A 66 -12.51 -7.34 -1.03
CA SER A 66 -12.95 -8.65 -0.56
C SER A 66 -12.62 -9.58 -1.71
N TYR A 67 -12.48 -10.87 -1.42
CA TYR A 67 -12.20 -11.83 -2.46
C TYR A 67 -13.12 -13.03 -2.25
N ASP A 68 -13.26 -13.85 -3.29
CA ASP A 68 -14.20 -14.97 -3.26
C ASP A 68 -13.60 -16.35 -3.05
N GLU A 69 -12.31 -16.49 -3.34
CA GLU A 69 -11.60 -17.75 -3.16
C GLU A 69 -10.21 -17.39 -2.67
N GLY A 70 -9.66 -18.19 -1.77
CA GLY A 70 -8.35 -17.89 -1.26
C GLY A 70 -7.92 -18.88 -0.20
N PRO A 71 -6.73 -18.69 0.40
CA PRO A 71 -6.15 -19.57 1.43
C PRO A 71 -7.01 -19.70 2.67
N ASP A 72 -7.52 -18.59 3.19
CA ASP A 72 -8.33 -18.64 4.39
C ASP A 72 -9.82 -18.94 4.15
N VAL A 73 -10.40 -18.33 3.13
CA VAL A 73 -11.81 -18.56 2.82
C VAL A 73 -12.05 -19.90 2.10
N GLY A 74 -11.04 -20.39 1.41
CA GLY A 74 -11.18 -21.64 0.68
C GLY A 74 -11.71 -21.40 -0.72
N GLY A 75 -12.26 -22.44 -1.34
CA GLY A 75 -12.77 -22.30 -2.69
C GLY A 75 -12.89 -23.65 -3.38
N PRO A 76 -13.58 -23.71 -4.52
CA PRO A 76 -13.76 -24.96 -5.27
C PRO A 76 -12.58 -25.45 -6.09
N HIS A 77 -11.60 -24.58 -6.32
CA HIS A 77 -10.43 -24.97 -7.14
C HIS A 77 -9.09 -24.80 -6.44
N GLY A 78 -9.04 -25.10 -5.14
CA GLY A 78 -7.80 -24.98 -4.40
C GLY A 78 -6.91 -26.18 -4.60
N PRO A 79 -5.79 -26.29 -3.85
CA PRO A 79 -5.30 -25.35 -2.83
C PRO A 79 -5.03 -23.97 -3.41
N TYR A 80 -5.04 -22.97 -2.53
CA TYR A 80 -4.79 -21.61 -2.96
C TYR A 80 -3.42 -21.06 -2.57
N ARG A 81 -2.50 -21.97 -2.29
CA ARG A 81 -1.10 -21.64 -1.98
C ARG A 81 -0.32 -22.49 -2.98
N GLN A 82 0.57 -21.89 -3.75
CA GLN A 82 1.33 -22.66 -4.72
C GLN A 82 2.21 -23.73 -4.06
N SER A 83 2.59 -23.49 -2.80
CA SER A 83 3.43 -24.44 -2.07
C SER A 83 2.65 -25.72 -1.77
N GLU A 84 1.33 -25.66 -1.91
CA GLU A 84 0.48 -26.82 -1.65
C GLU A 84 0.11 -27.55 -2.95
N ARG A 85 0.67 -27.13 -4.07
CA ARG A 85 0.37 -27.79 -5.34
C ARG A 85 1.62 -28.16 -6.14
N LEU A 86 2.74 -28.29 -5.43
CA LEU A 86 4.01 -28.63 -6.06
C LEU A 86 3.91 -29.86 -6.97
N PRO A 87 3.14 -30.88 -6.57
CA PRO A 87 3.01 -32.08 -7.42
C PRO A 87 2.36 -31.76 -8.77
N LEU A 88 1.45 -30.80 -8.80
CA LEU A 88 0.78 -30.43 -10.04
C LEU A 88 1.75 -29.86 -11.08
N TYR A 89 2.64 -28.98 -10.67
CA TYR A 89 3.59 -28.38 -11.60
C TYR A 89 4.54 -29.42 -12.18
N GLN A 90 4.94 -30.38 -11.36
CA GLN A 90 5.84 -31.42 -11.81
C GLN A 90 5.15 -32.27 -12.86
N LYS A 91 3.89 -32.61 -12.64
CA LYS A 91 3.14 -33.41 -13.59
C LYS A 91 2.90 -32.66 -14.89
N TYR A 92 2.66 -31.35 -14.82
CA TYR A 92 2.44 -30.60 -16.04
C TYR A 92 3.75 -30.42 -16.80
N ALA A 93 4.86 -30.33 -16.08
CA ALA A 93 6.15 -30.18 -16.73
C ALA A 93 6.44 -31.49 -17.48
N GLU A 94 6.09 -32.62 -16.87
CA GLU A 94 6.30 -33.93 -17.49
C GLU A 94 5.45 -34.05 -18.75
N GLU A 95 4.26 -33.45 -18.72
CA GLU A 95 3.37 -33.47 -19.88
C GLU A 95 4.01 -32.71 -21.05
N LEU A 96 4.68 -31.60 -20.73
CA LEU A 96 5.35 -30.81 -21.77
C LEU A 96 6.51 -31.62 -22.35
N LEU A 97 7.23 -32.34 -21.49
CA LEU A 97 8.34 -33.17 -21.95
C LEU A 97 7.75 -34.20 -22.94
N LYS A 98 6.66 -34.83 -22.54
CA LYS A 98 6.00 -35.82 -23.39
C LYS A 98 5.54 -35.26 -24.74
N ARG A 99 5.18 -33.98 -24.76
CA ARG A 99 4.72 -33.36 -26.00
C ARG A 99 5.85 -32.75 -26.81
N GLY A 100 7.06 -32.77 -26.29
CA GLY A 100 8.18 -32.20 -27.01
C GLY A 100 8.27 -30.69 -26.85
N TRP A 101 7.52 -30.14 -25.89
CA TRP A 101 7.52 -28.71 -25.64
C TRP A 101 8.46 -28.29 -24.52
N ALA A 102 9.17 -29.26 -23.95
CA ALA A 102 10.12 -28.97 -22.89
C ALA A 102 11.23 -30.00 -22.95
N TYR A 103 12.32 -29.75 -22.25
CA TYR A 103 13.44 -30.67 -22.22
C TYR A 103 14.24 -30.50 -20.94
N ARG A 104 14.94 -31.57 -20.55
CA ARG A 104 15.76 -31.54 -19.35
C ARG A 104 17.14 -31.03 -19.73
N ALA A 105 17.68 -30.11 -18.92
CA ALA A 105 19.00 -29.54 -19.16
C ALA A 105 19.85 -29.74 -17.91
N PHE A 106 21.02 -30.37 -18.10
CA PHE A 106 21.90 -30.72 -16.99
C PHE A 106 23.12 -29.84 -16.68
N GLU A 107 23.22 -28.69 -17.33
CA GLU A 107 24.38 -27.82 -17.09
C GLU A 107 24.52 -27.34 -15.63
N THR A 108 25.77 -27.27 -15.18
CA THR A 108 26.08 -26.79 -13.83
C THR A 108 26.13 -25.27 -13.89
N PRO A 109 26.13 -24.60 -12.73
CA PRO A 109 26.18 -23.14 -12.73
C PRO A 109 27.40 -22.60 -13.46
N GLU A 110 28.54 -23.28 -13.31
CA GLU A 110 29.78 -22.86 -13.96
C GLU A 110 29.65 -23.00 -15.46
N GLU A 111 28.99 -24.07 -15.90
CA GLU A 111 28.80 -24.29 -17.33
C GLU A 111 27.88 -23.23 -17.90
N LEU A 112 26.80 -22.92 -17.19
CA LEU A 112 25.86 -21.90 -17.67
C LEU A 112 26.54 -20.53 -17.77
N GLU A 113 27.45 -20.25 -16.85
CA GLU A 113 28.15 -18.98 -16.88
C GLU A 113 29.03 -18.88 -18.13
N GLN A 114 29.71 -19.98 -18.45
CA GLN A 114 30.59 -20.04 -19.61
C GLN A 114 29.76 -19.90 -20.90
N ILE A 115 28.64 -20.61 -20.97
CA ILE A 115 27.78 -20.55 -22.15
C ILE A 115 27.20 -19.15 -22.32
N ARG A 116 26.76 -18.57 -21.21
CA ARG A 116 26.19 -17.23 -21.20
C ARG A 116 27.15 -16.20 -21.80
N LYS A 117 28.42 -16.27 -21.38
CA LYS A 117 29.43 -15.34 -21.88
C LYS A 117 29.83 -15.64 -23.32
N GLU A 118 29.68 -16.90 -23.72
CA GLU A 118 30.03 -17.31 -25.06
C GLU A 118 28.92 -17.00 -26.07
N LYS A 119 27.70 -17.36 -25.73
CA LYS A 119 26.55 -17.18 -26.62
C LYS A 119 25.67 -15.97 -26.31
N GLY A 120 25.74 -15.46 -25.09
CA GLY A 120 24.93 -14.31 -24.71
C GLY A 120 23.74 -14.75 -23.87
N GLY A 121 23.64 -16.06 -23.65
CA GLY A 121 22.56 -16.63 -22.88
C GLY A 121 22.58 -18.12 -23.17
N TYR A 122 21.73 -18.91 -22.50
CA TYR A 122 21.73 -20.35 -22.75
C TYR A 122 21.29 -20.61 -24.19
N ASP A 123 22.04 -21.42 -24.92
CA ASP A 123 21.74 -21.68 -26.33
C ASP A 123 20.90 -22.92 -26.67
N GLY A 124 20.30 -23.56 -25.67
CA GLY A 124 19.47 -24.73 -25.89
C GLY A 124 20.17 -26.00 -26.33
N ARG A 125 21.48 -26.06 -26.12
CA ARG A 125 22.25 -27.24 -26.54
C ARG A 125 21.73 -28.56 -25.98
N ALA A 126 21.08 -28.55 -24.82
CA ALA A 126 20.55 -29.79 -24.23
C ALA A 126 19.42 -30.41 -25.05
N ARG A 127 18.88 -29.64 -25.99
CA ARG A 127 17.82 -30.16 -26.86
C ARG A 127 18.39 -31.27 -27.76
N ASN A 128 19.71 -31.28 -27.94
CA ASN A 128 20.35 -32.30 -28.78
C ASN A 128 20.74 -33.57 -28.03
N ILE A 129 20.36 -33.67 -26.77
CA ILE A 129 20.63 -34.88 -25.99
C ILE A 129 19.48 -35.81 -26.36
N PRO A 130 19.78 -37.08 -26.69
CA PRO A 130 18.70 -38.01 -27.05
C PRO A 130 17.69 -38.05 -25.89
N PRO A 131 16.40 -37.88 -26.19
CA PRO A 131 15.39 -37.89 -25.13
C PRO A 131 15.52 -39.05 -24.13
N GLU A 132 15.70 -40.27 -24.63
CA GLU A 132 15.81 -41.41 -23.73
C GLU A 132 17.05 -41.30 -22.85
N GLU A 133 18.08 -40.62 -23.35
CA GLU A 133 19.30 -40.46 -22.58
C GLU A 133 19.05 -39.44 -21.47
N ALA A 134 18.27 -38.41 -21.78
CA ALA A 134 17.95 -37.38 -20.79
C ALA A 134 17.13 -38.00 -19.66
N GLU A 135 16.16 -38.85 -20.01
CA GLU A 135 15.33 -39.49 -19.00
C GLU A 135 16.15 -40.41 -18.12
N GLU A 136 17.07 -41.15 -18.72
CA GLU A 136 17.92 -42.06 -17.95
C GLU A 136 18.80 -41.31 -16.96
N ARG A 137 19.40 -40.22 -17.42
CA ARG A 137 20.25 -39.42 -16.54
C ARG A 137 19.44 -38.84 -15.39
N ALA A 138 18.21 -38.43 -15.69
CA ALA A 138 17.32 -37.88 -14.67
C ALA A 138 17.01 -38.98 -13.67
N ARG A 139 16.61 -40.13 -14.19
CA ARG A 139 16.27 -41.29 -13.38
C ARG A 139 17.43 -41.69 -12.46
N ARG A 140 18.66 -41.48 -12.91
CA ARG A 140 19.83 -41.82 -12.10
C ARG A 140 20.11 -40.74 -11.06
N GLY A 141 19.26 -39.71 -11.04
CA GLY A 141 19.41 -38.65 -10.05
C GLY A 141 20.29 -37.47 -10.41
N GLU A 142 20.66 -37.32 -11.67
CA GLU A 142 21.49 -36.19 -12.06
C GLU A 142 20.68 -34.91 -11.94
N PRO A 143 21.23 -33.88 -11.27
CA PRO A 143 20.54 -32.61 -11.09
C PRO A 143 20.24 -31.94 -12.43
N HIS A 144 19.08 -31.34 -12.56
CA HIS A 144 18.73 -30.69 -13.82
C HIS A 144 17.50 -29.81 -13.67
N VAL A 145 17.24 -29.03 -14.72
CA VAL A 145 16.07 -28.17 -14.76
C VAL A 145 15.31 -28.58 -16.02
N ILE A 146 14.05 -28.18 -16.10
CA ILE A 146 13.24 -28.45 -17.28
C ILE A 146 12.98 -27.09 -17.91
N ARG A 147 13.38 -26.96 -19.18
CA ARG A 147 13.25 -25.71 -19.91
C ARG A 147 12.18 -25.80 -20.98
N LEU A 148 11.65 -24.65 -21.36
CA LEU A 148 10.65 -24.55 -22.41
C LEU A 148 11.39 -24.70 -23.74
N LYS A 149 10.87 -25.53 -24.63
CA LYS A 149 11.51 -25.70 -25.93
C LYS A 149 10.82 -24.78 -26.94
N VAL A 150 11.29 -23.53 -27.00
CA VAL A 150 10.75 -22.53 -27.90
C VAL A 150 10.97 -22.96 -29.37
N PRO A 151 9.97 -22.77 -30.24
CA PRO A 151 10.17 -23.17 -31.64
C PRO A 151 11.21 -22.27 -32.30
N ARG A 152 12.27 -22.88 -32.84
CA ARG A 152 13.35 -22.15 -33.51
C ARG A 152 13.47 -22.67 -34.96
N PRO A 153 13.22 -21.79 -35.94
CA PRO A 153 12.85 -20.39 -35.77
C PRO A 153 11.33 -20.28 -35.69
N GLY A 154 10.85 -19.07 -35.44
CA GLY A 154 9.42 -18.86 -35.36
C GLY A 154 9.08 -17.48 -34.81
N THR A 155 7.79 -17.22 -34.66
CA THR A 155 7.35 -15.95 -34.11
C THR A 155 6.14 -16.23 -33.21
N THR A 156 5.92 -15.36 -32.24
CA THR A 156 4.81 -15.51 -31.30
C THR A 156 4.06 -14.18 -31.19
N GLU A 157 2.75 -14.21 -31.41
CA GLU A 157 1.96 -12.99 -31.33
C GLU A 157 1.23 -12.92 -29.99
N VAL A 158 1.29 -11.76 -29.34
CA VAL A 158 0.70 -11.58 -28.03
C VAL A 158 -0.13 -10.30 -27.97
N LYS A 159 -1.30 -10.39 -27.36
CA LYS A 159 -2.14 -9.21 -27.26
C LYS A 159 -2.36 -8.70 -25.85
N ASP A 160 -2.06 -7.42 -25.64
CA ASP A 160 -2.32 -6.79 -24.37
C ASP A 160 -3.57 -5.99 -24.69
N GLU A 161 -4.62 -6.15 -23.90
CA GLU A 161 -5.88 -5.46 -24.16
C GLU A 161 -5.81 -3.93 -24.19
N LEU A 162 -4.80 -3.35 -23.58
CA LEU A 162 -4.71 -1.89 -23.54
C LEU A 162 -3.76 -1.29 -24.57
N ARG A 163 -2.81 -2.08 -25.04
CA ARG A 163 -1.82 -1.60 -26.01
C ARG A 163 -1.90 -2.20 -27.41
N GLY A 164 -2.48 -3.40 -27.53
CA GLY A 164 -2.58 -4.01 -28.84
C GLY A 164 -1.67 -5.22 -29.03
N VAL A 165 -1.63 -5.71 -30.26
CA VAL A 165 -0.83 -6.89 -30.59
C VAL A 165 0.63 -6.62 -30.86
N VAL A 166 1.48 -7.51 -30.35
CA VAL A 166 2.92 -7.43 -30.55
C VAL A 166 3.41 -8.73 -31.17
N VAL A 167 4.14 -8.62 -32.26
CA VAL A 167 4.68 -9.81 -32.92
C VAL A 167 6.13 -9.97 -32.47
N TYR A 168 6.40 -11.03 -31.71
CA TYR A 168 7.75 -11.31 -31.22
C TYR A 168 8.48 -12.30 -32.12
N ASP A 169 9.76 -12.06 -32.34
CA ASP A 169 10.56 -13.01 -33.12
C ASP A 169 10.93 -13.97 -32.00
N ASN A 170 10.79 -15.27 -32.23
CA ASN A 170 11.12 -16.21 -31.16
C ASN A 170 12.57 -16.08 -30.68
N GLN A 171 13.41 -15.44 -31.49
CA GLN A 171 14.80 -15.22 -31.10
C GLN A 171 14.89 -14.37 -29.83
N GLU A 172 13.83 -13.61 -29.56
CA GLU A 172 13.80 -12.75 -28.37
C GLU A 172 13.33 -13.54 -27.15
N ILE A 173 12.81 -14.74 -27.36
CA ILE A 173 12.30 -15.57 -26.28
C ILE A 173 13.26 -16.70 -25.94
N PRO A 174 13.77 -16.72 -24.70
CA PRO A 174 14.71 -17.80 -24.33
C PRO A 174 14.00 -19.08 -23.92
N ASP A 175 14.76 -20.16 -23.83
CA ASP A 175 14.22 -21.45 -23.40
C ASP A 175 14.21 -21.37 -21.89
N VAL A 176 13.29 -20.59 -21.35
CA VAL A 176 13.23 -20.39 -19.90
C VAL A 176 13.05 -21.63 -19.07
N VAL A 177 13.57 -21.57 -17.84
CA VAL A 177 13.43 -22.66 -16.89
C VAL A 177 11.98 -22.65 -16.42
N LEU A 178 11.37 -23.83 -16.41
CA LEU A 178 9.99 -24.00 -16.01
C LEU A 178 9.95 -24.70 -14.66
N LEU A 179 10.81 -25.69 -14.50
CA LEU A 179 10.89 -26.44 -13.25
C LEU A 179 12.33 -26.41 -12.79
N LYS A 180 12.55 -25.90 -11.59
CA LYS A 180 13.89 -25.78 -11.03
C LYS A 180 14.44 -27.12 -10.54
N SER A 181 15.76 -27.17 -10.33
CA SER A 181 16.41 -28.41 -9.91
C SER A 181 15.98 -28.88 -8.54
N ASP A 182 15.33 -28.01 -7.77
CA ASP A 182 14.85 -28.38 -6.45
C ASP A 182 13.41 -28.91 -6.52
N GLY A 183 12.87 -28.99 -7.73
CA GLY A 183 11.51 -29.49 -7.91
C GLY A 183 10.43 -28.42 -7.90
N TYR A 184 10.82 -27.18 -7.61
CA TYR A 184 9.87 -26.07 -7.57
C TYR A 184 9.73 -25.43 -8.95
N PRO A 185 8.54 -24.88 -9.24
CA PRO A 185 8.31 -24.24 -10.54
C PRO A 185 8.72 -22.77 -10.56
N THR A 186 8.87 -22.22 -11.76
CA THR A 186 9.17 -20.81 -11.91
C THR A 186 7.78 -20.20 -12.13
N TYR A 187 7.66 -18.88 -12.02
CA TYR A 187 6.38 -18.19 -12.21
C TYR A 187 5.77 -18.49 -13.57
N HIS A 188 6.62 -18.65 -14.57
CA HIS A 188 6.14 -18.91 -15.93
C HIS A 188 5.24 -20.15 -16.00
N LEU A 189 5.69 -21.24 -15.39
CA LEU A 189 4.91 -22.46 -15.37
C LEU A 189 3.76 -22.41 -14.38
N ALA A 190 4.03 -21.93 -13.17
CA ALA A 190 2.98 -21.85 -12.14
C ALA A 190 1.78 -21.00 -12.51
N ASN A 191 2.02 -19.78 -12.98
CA ASN A 191 0.92 -18.88 -13.33
C ASN A 191 0.01 -19.44 -14.43
N VAL A 192 0.59 -20.07 -15.44
CA VAL A 192 -0.20 -20.64 -16.52
C VAL A 192 -1.03 -21.83 -16.06
N VAL A 193 -0.41 -22.76 -15.35
CA VAL A 193 -1.11 -23.94 -14.84
C VAL A 193 -2.25 -23.52 -13.89
N ASP A 194 -1.94 -22.65 -12.93
CA ASP A 194 -2.94 -22.21 -11.97
C ASP A 194 -4.02 -21.28 -12.51
N ASP A 195 -3.68 -20.35 -13.40
CA ASP A 195 -4.71 -19.47 -13.96
C ASP A 195 -5.70 -20.34 -14.74
N HIS A 196 -5.16 -21.31 -15.47
CA HIS A 196 -6.03 -22.18 -16.24
C HIS A 196 -6.94 -23.04 -15.37
N LEU A 197 -6.36 -23.72 -14.38
CA LEU A 197 -7.14 -24.59 -13.51
C LEU A 197 -8.13 -23.84 -12.61
N MET A 198 -7.84 -22.58 -12.31
CA MET A 198 -8.72 -21.77 -11.48
C MET A 198 -9.74 -21.01 -12.32
N GLY A 199 -9.69 -21.21 -13.62
CA GLY A 199 -10.65 -20.56 -14.51
C GLY A 199 -10.47 -19.06 -14.72
N VAL A 200 -9.27 -18.56 -14.49
CA VAL A 200 -8.98 -17.13 -14.67
C VAL A 200 -9.15 -16.74 -16.14
N THR A 201 -9.97 -15.73 -16.39
CA THR A 201 -10.26 -15.28 -17.75
C THR A 201 -9.58 -13.97 -18.11
N ASP A 202 -9.25 -13.19 -17.09
CA ASP A 202 -8.63 -11.89 -17.26
C ASP A 202 -7.43 -11.74 -16.32
N VAL A 203 -6.24 -11.73 -16.90
CA VAL A 203 -5.00 -11.58 -16.14
C VAL A 203 -4.60 -10.11 -16.16
N ILE A 204 -4.70 -9.48 -14.99
CA ILE A 204 -4.37 -8.08 -14.81
C ILE A 204 -3.17 -8.03 -13.86
N ARG A 205 -2.03 -7.57 -14.36
CA ARG A 205 -0.80 -7.50 -13.58
C ARG A 205 0.05 -6.29 -13.97
N ALA A 206 1.09 -6.03 -13.18
CA ALA A 206 1.99 -4.89 -13.42
C ALA A 206 2.69 -5.00 -14.78
N GLU A 207 2.90 -3.85 -15.43
CA GLU A 207 3.52 -3.84 -16.75
C GLU A 207 4.93 -4.43 -16.82
N GLU A 208 5.60 -4.57 -15.68
CA GLU A 208 6.94 -5.14 -15.71
C GLU A 208 6.92 -6.61 -16.16
N TRP A 209 5.72 -7.18 -16.25
CA TRP A 209 5.56 -8.57 -16.67
C TRP A 209 5.12 -8.67 -18.13
N LEU A 210 4.92 -7.52 -18.77
CA LEU A 210 4.47 -7.49 -20.16
C LEU A 210 5.33 -8.30 -21.13
N VAL A 211 6.65 -8.12 -21.06
CA VAL A 211 7.56 -8.84 -21.96
C VAL A 211 7.64 -10.33 -21.70
N SER A 212 7.09 -10.79 -20.58
CA SER A 212 7.09 -12.21 -20.24
C SER A 212 5.90 -12.93 -20.86
N THR A 213 4.93 -12.16 -21.34
CA THR A 213 3.73 -12.75 -21.91
C THR A 213 3.90 -13.74 -23.07
N PRO A 214 4.85 -13.49 -23.99
CA PRO A 214 4.96 -14.49 -25.06
C PRO A 214 5.31 -15.89 -24.53
N ILE A 215 6.02 -15.93 -23.40
CA ILE A 215 6.38 -17.22 -22.79
C ILE A 215 5.10 -17.91 -22.35
N HIS A 216 4.21 -17.15 -21.71
CA HIS A 216 2.96 -17.68 -21.22
C HIS A 216 2.05 -18.11 -22.37
N VAL A 217 2.00 -17.30 -23.43
CA VAL A 217 1.19 -17.64 -24.59
C VAL A 217 1.72 -18.95 -25.20
N LEU A 218 3.04 -19.13 -25.22
CA LEU A 218 3.61 -20.36 -25.75
C LEU A 218 3.21 -21.56 -24.89
N LEU A 219 3.15 -21.35 -23.57
CA LEU A 219 2.76 -22.42 -22.66
C LEU A 219 1.30 -22.81 -22.85
N TYR A 220 0.41 -21.82 -22.96
CA TYR A 220 -1.00 -22.12 -23.18
C TYR A 220 -1.15 -22.92 -24.49
N ARG A 221 -0.36 -22.55 -25.49
CA ARG A 221 -0.42 -23.24 -26.76
C ARG A 221 0.07 -24.67 -26.60
N ALA A 222 1.18 -24.84 -25.89
CA ALA A 222 1.77 -26.15 -25.65
C ALA A 222 0.80 -27.13 -24.98
N PHE A 223 0.04 -26.64 -24.01
CA PHE A 223 -0.92 -27.47 -23.29
C PHE A 223 -2.23 -27.59 -24.06
N GLY A 224 -2.38 -26.79 -25.11
CA GLY A 224 -3.60 -26.82 -25.90
C GLY A 224 -4.73 -26.11 -25.16
N TRP A 225 -4.38 -25.12 -24.35
CA TRP A 225 -5.37 -24.37 -23.60
C TRP A 225 -5.63 -23.00 -24.23
N GLU A 226 -6.76 -22.40 -23.87
CA GLU A 226 -7.11 -21.09 -24.38
C GLU A 226 -6.46 -20.05 -23.47
N ALA A 227 -5.76 -19.10 -24.07
CA ALA A 227 -5.09 -18.05 -23.31
C ALA A 227 -6.13 -17.03 -22.86
N PRO A 228 -5.95 -16.48 -21.66
CA PRO A 228 -6.89 -15.48 -21.14
C PRO A 228 -6.53 -14.11 -21.70
N ARG A 229 -7.36 -13.12 -21.39
CA ARG A 229 -7.11 -11.74 -21.77
C ARG A 229 -6.01 -11.23 -20.83
N PHE A 230 -5.08 -10.43 -21.35
CA PHE A 230 -3.98 -9.87 -20.57
C PHE A 230 -4.08 -8.34 -20.53
N TYR A 231 -3.97 -7.77 -19.32
CA TYR A 231 -4.01 -6.32 -19.14
C TYR A 231 -2.83 -5.94 -18.26
N HIS A 232 -1.90 -5.16 -18.78
CA HIS A 232 -0.75 -4.74 -17.98
C HIS A 232 -0.91 -3.30 -17.47
N MET A 233 -0.96 -3.17 -16.16
CA MET A 233 -1.14 -1.87 -15.52
C MET A 233 0.16 -1.10 -15.48
N PRO A 234 0.09 0.21 -15.79
CA PRO A 234 1.29 1.05 -15.77
C PRO A 234 1.87 1.04 -14.36
N LEU A 235 3.20 1.03 -14.25
CA LEU A 235 3.85 1.03 -12.95
C LEU A 235 3.66 2.35 -12.22
N LEU A 236 3.57 2.27 -10.88
CA LEU A 236 3.45 3.47 -10.06
C LEU A 236 4.82 4.14 -10.09
N ARG A 237 4.84 5.45 -10.28
CA ARG A 237 6.09 6.20 -10.36
C ARG A 237 6.29 7.25 -9.28
N ASN A 238 7.56 7.56 -9.01
CA ASN A 238 7.90 8.60 -8.04
C ASN A 238 7.78 9.90 -8.82
N PRO A 239 7.68 11.03 -8.11
CA PRO A 239 7.56 12.33 -8.78
C PRO A 239 8.61 12.53 -9.86
N ASP A 240 9.77 11.91 -9.70
CA ASP A 240 10.86 12.04 -10.66
C ASP A 240 10.78 11.08 -11.84
N LYS A 241 9.63 10.43 -11.99
CA LYS A 241 9.36 9.49 -13.07
C LYS A 241 9.98 8.10 -12.92
N THR A 242 10.71 7.89 -11.83
CA THR A 242 11.32 6.58 -11.60
C THR A 242 10.29 5.65 -10.96
N LYS A 243 10.42 4.37 -11.25
CA LYS A 243 9.51 3.36 -10.71
C LYS A 243 9.58 3.33 -9.18
N ILE A 244 8.43 3.35 -8.52
CA ILE A 244 8.44 3.28 -7.06
C ILE A 244 9.01 1.93 -6.65
N SER A 245 9.86 1.94 -5.62
CA SER A 245 10.48 0.72 -5.13
C SER A 245 10.50 0.70 -3.61
N LYS A 246 10.33 -0.50 -3.03
CA LYS A 246 10.32 -0.65 -1.57
C LYS A 246 11.69 -0.32 -1.00
N ARG A 247 12.71 -0.29 -1.85
CA ARG A 247 14.07 0.01 -1.41
C ARG A 247 14.36 1.51 -1.47
N LYS A 248 13.47 2.27 -2.07
CA LYS A 248 13.66 3.71 -2.21
C LYS A 248 12.61 4.55 -1.48
N SER A 249 11.44 3.97 -1.22
CA SER A 249 10.38 4.70 -0.54
C SER A 249 9.46 3.77 0.26
N HIS A 250 8.53 4.38 0.98
CA HIS A 250 7.57 3.63 1.79
C HIS A 250 6.52 2.97 0.92
N THR A 251 6.59 1.64 0.84
CA THR A 251 5.64 0.88 0.05
C THR A 251 4.81 -0.06 0.91
N SER A 252 5.17 -0.19 2.17
CA SER A 252 4.45 -1.09 3.07
C SER A 252 3.08 -0.54 3.48
N LEU A 253 2.04 -1.30 3.18
CA LEU A 253 0.67 -0.91 3.53
C LEU A 253 0.51 -0.84 5.04
N ASP A 254 1.34 -1.59 5.76
CA ASP A 254 1.29 -1.59 7.22
C ASP A 254 1.84 -0.27 7.74
N TRP A 255 2.78 0.30 7.00
CA TRP A 255 3.38 1.58 7.39
C TRP A 255 2.31 2.66 7.23
N TYR A 256 1.58 2.63 6.13
CA TYR A 256 0.54 3.62 5.91
C TYR A 256 -0.53 3.54 7.00
N LYS A 257 -0.87 2.32 7.39
CA LYS A 257 -1.87 2.12 8.43
C LYS A 257 -1.36 2.65 9.77
N ALA A 258 -0.13 2.31 10.11
CA ALA A 258 0.47 2.74 11.37
C ALA A 258 0.68 4.25 11.43
N GLU A 259 0.80 4.89 10.27
CA GLU A 259 1.01 6.32 10.22
C GLU A 259 -0.27 7.14 10.30
N GLY A 260 -1.41 6.46 10.34
CA GLY A 260 -2.65 7.19 10.43
C GLY A 260 -3.33 7.51 9.12
N PHE A 261 -2.97 6.81 8.04
CA PHE A 261 -3.66 7.06 6.77
C PHE A 261 -4.95 6.23 6.81
N LEU A 262 -6.06 6.82 6.39
CA LEU A 262 -7.33 6.11 6.37
C LEU A 262 -7.35 5.18 5.16
N PRO A 263 -7.86 3.95 5.33
CA PRO A 263 -7.91 3.00 4.21
C PRO A 263 -8.76 3.48 3.03
N GLU A 264 -9.83 4.21 3.33
CA GLU A 264 -10.71 4.72 2.29
C GLU A 264 -10.00 5.78 1.45
N ALA A 265 -9.13 6.55 2.09
CA ALA A 265 -8.37 7.60 1.41
C ALA A 265 -7.30 6.98 0.52
N LEU A 266 -6.51 6.06 1.09
CA LEU A 266 -5.46 5.38 0.33
C LEU A 266 -6.06 4.63 -0.87
N ARG A 267 -7.18 3.93 -0.63
CA ARG A 267 -7.86 3.18 -1.68
C ARG A 267 -8.27 4.16 -2.78
N ASN A 268 -8.86 5.29 -2.37
CA ASN A 268 -9.31 6.33 -3.30
C ASN A 268 -8.13 6.85 -4.11
N TYR A 269 -6.97 6.99 -3.47
CA TYR A 269 -5.80 7.49 -4.18
C TYR A 269 -5.28 6.49 -5.20
N LEU A 270 -5.27 5.21 -4.84
CA LEU A 270 -4.82 4.19 -5.77
C LEU A 270 -5.76 4.13 -6.97
N CYS A 271 -7.04 4.47 -6.75
CA CYS A 271 -8.01 4.48 -7.83
C CYS A 271 -7.63 5.51 -8.89
N LEU A 272 -7.00 6.60 -8.44
CA LEU A 272 -6.59 7.68 -9.32
C LEU A 272 -5.28 7.41 -10.04
N MET A 273 -4.59 6.34 -9.65
CA MET A 273 -3.31 6.03 -10.29
C MET A 273 -3.49 5.62 -11.74
N GLY A 274 -4.27 4.57 -11.99
CA GLY A 274 -4.47 4.17 -13.36
C GLY A 274 -5.89 4.38 -13.84
N PHE A 275 -6.49 5.52 -13.51
CA PHE A 275 -7.87 5.78 -13.89
C PHE A 275 -8.35 7.16 -13.50
N SER A 276 -9.29 7.70 -14.28
CA SER A 276 -9.85 9.02 -14.00
C SER A 276 -11.37 8.97 -14.18
N MET A 277 -12.09 9.67 -13.30
CA MET A 277 -13.53 9.73 -13.36
C MET A 277 -13.91 10.65 -14.53
N PRO A 278 -15.01 10.35 -15.24
CA PRO A 278 -15.41 11.21 -16.37
C PRO A 278 -15.47 12.70 -16.01
N ASP A 279 -16.27 13.04 -15.00
CA ASP A 279 -16.42 14.43 -14.57
C ASP A 279 -15.15 14.97 -13.90
N GLY A 280 -14.16 14.10 -13.71
CA GLY A 280 -12.92 14.53 -13.10
C GLY A 280 -12.86 14.52 -11.58
N ARG A 281 -13.94 14.09 -10.92
CA ARG A 281 -13.92 14.04 -9.46
C ARG A 281 -12.72 13.26 -8.96
N GLU A 282 -12.15 13.68 -7.83
CA GLU A 282 -11.00 12.97 -7.27
C GLU A 282 -11.40 12.21 -6.01
N ILE A 283 -12.47 12.66 -5.36
CA ILE A 283 -12.95 12.02 -4.15
C ILE A 283 -14.23 11.22 -4.43
N PHE A 284 -14.14 9.90 -4.31
CA PHE A 284 -15.28 9.02 -4.55
C PHE A 284 -15.14 7.69 -3.82
N THR A 285 -16.25 6.97 -3.69
CA THR A 285 -16.28 5.69 -3.00
C THR A 285 -15.81 4.52 -3.86
N LEU A 286 -15.56 3.39 -3.21
CA LEU A 286 -15.13 2.19 -3.91
C LEU A 286 -16.23 1.76 -4.88
N GLU A 287 -17.48 1.87 -4.43
CA GLU A 287 -18.61 1.47 -5.27
C GLU A 287 -18.73 2.38 -6.49
N GLU A 288 -18.45 3.66 -6.32
CA GLU A 288 -18.52 4.60 -7.42
C GLU A 288 -17.42 4.27 -8.43
N PHE A 289 -16.28 3.82 -7.92
CA PHE A 289 -15.15 3.45 -8.77
C PHE A 289 -15.56 2.28 -9.65
N ILE A 290 -16.16 1.27 -9.02
CA ILE A 290 -16.61 0.07 -9.73
C ILE A 290 -17.68 0.40 -10.77
N GLN A 291 -18.63 1.25 -10.41
CA GLN A 291 -19.70 1.64 -11.32
C GLN A 291 -19.18 2.42 -12.52
N ALA A 292 -18.13 3.19 -12.31
CA ALA A 292 -17.55 3.99 -13.38
C ALA A 292 -16.38 3.32 -14.12
N PHE A 293 -15.96 2.16 -13.64
CA PHE A 293 -14.83 1.48 -14.25
C PHE A 293 -14.94 1.07 -15.71
N THR A 294 -13.94 1.44 -16.49
CA THR A 294 -13.84 1.07 -17.89
C THR A 294 -12.37 1.17 -18.28
N TRP A 295 -11.90 0.23 -19.09
CA TRP A 295 -10.50 0.24 -19.51
C TRP A 295 -10.17 1.42 -20.41
N GLU A 296 -11.20 2.04 -20.98
CA GLU A 296 -11.02 3.18 -21.88
C GLU A 296 -10.47 4.37 -21.11
N ARG A 297 -10.71 4.41 -19.80
CA ARG A 297 -10.23 5.51 -18.99
C ARG A 297 -8.96 5.21 -18.20
N VAL A 298 -8.30 4.10 -18.50
CA VAL A 298 -7.07 3.75 -17.81
C VAL A 298 -5.89 4.28 -18.61
N SER A 299 -5.17 5.23 -18.04
CA SER A 299 -4.04 5.84 -18.71
C SER A 299 -2.87 4.88 -18.80
N LEU A 300 -2.07 5.02 -19.85
CA LEU A 300 -0.90 4.16 -20.04
C LEU A 300 0.36 4.83 -19.53
N GLY A 301 0.32 6.15 -19.39
CA GLY A 301 1.48 6.87 -18.88
C GLY A 301 1.74 6.36 -17.47
N GLY A 302 2.94 6.61 -16.96
CA GLY A 302 3.25 6.15 -15.62
C GLY A 302 2.59 7.04 -14.57
N PRO A 303 1.67 6.48 -13.75
CA PRO A 303 0.96 7.21 -12.70
C PRO A 303 1.90 7.64 -11.57
N VAL A 304 1.87 8.91 -11.20
CA VAL A 304 2.74 9.39 -10.13
C VAL A 304 2.10 9.21 -8.76
N PHE A 305 2.74 8.39 -7.93
CA PHE A 305 2.26 8.12 -6.58
C PHE A 305 3.00 9.09 -5.67
N ASP A 306 2.33 10.19 -5.34
CA ASP A 306 2.90 11.26 -4.52
C ASP A 306 2.36 11.28 -3.08
N LEU A 307 3.26 11.10 -2.12
CA LEU A 307 2.88 11.08 -0.71
C LEU A 307 2.19 12.37 -0.29
N GLU A 308 2.61 13.51 -0.85
CA GLU A 308 2.02 14.79 -0.51
C GLU A 308 0.58 14.86 -0.97
N LYS A 309 0.29 14.26 -2.12
CA LYS A 309 -1.06 14.26 -2.65
C LYS A 309 -1.90 13.30 -1.81
N LEU A 310 -1.29 12.18 -1.40
CA LEU A 310 -1.99 11.20 -0.57
C LEU A 310 -2.36 11.86 0.75
N ARG A 311 -1.40 12.54 1.38
CA ARG A 311 -1.64 13.21 2.64
C ARG A 311 -2.76 14.23 2.50
N TRP A 312 -2.81 14.90 1.37
CA TRP A 312 -3.85 15.89 1.11
C TRP A 312 -5.21 15.20 1.06
N MET A 313 -5.26 14.06 0.37
CA MET A 313 -6.52 13.34 0.26
C MET A 313 -6.95 12.82 1.62
N ASN A 314 -5.98 12.38 2.42
CA ASN A 314 -6.26 11.86 3.75
C ASN A 314 -6.88 12.95 4.62
N GLY A 315 -6.32 14.16 4.52
CA GLY A 315 -6.83 15.29 5.28
C GLY A 315 -8.21 15.71 4.81
N LYS A 316 -8.43 15.64 3.50
CA LYS A 316 -9.71 16.02 2.94
C LYS A 316 -10.79 15.04 3.39
N TYR A 317 -10.39 13.78 3.59
CA TYR A 317 -11.32 12.77 4.07
C TYR A 317 -11.61 13.07 5.53
N ILE A 318 -10.56 13.41 6.27
CA ILE A 318 -10.69 13.73 7.69
C ILE A 318 -11.59 14.91 8.03
N ARG A 319 -11.54 15.98 7.23
CA ARG A 319 -12.38 17.14 7.51
C ARG A 319 -13.53 17.42 6.55
N GLU A 320 -13.74 16.56 5.57
CA GLU A 320 -14.82 16.79 4.61
C GLU A 320 -15.66 15.56 4.28
N VAL A 321 -15.11 14.37 4.49
CA VAL A 321 -15.85 13.15 4.18
C VAL A 321 -16.43 12.52 5.44
N LEU A 322 -15.58 12.26 6.43
CA LEU A 322 -16.04 11.66 7.67
C LEU A 322 -16.74 12.66 8.58
N SER A 323 -17.51 12.15 9.54
CA SER A 323 -18.20 13.00 10.49
C SER A 323 -17.23 13.22 11.64
N LEU A 324 -17.49 14.23 12.46
CA LEU A 324 -16.63 14.52 13.59
C LEU A 324 -16.55 13.27 14.48
N GLU A 325 -17.68 12.59 14.64
CA GLU A 325 -17.74 11.40 15.49
C GLU A 325 -16.96 10.22 14.92
N GLU A 326 -16.92 10.09 13.61
CA GLU A 326 -16.18 9.01 12.97
C GLU A 326 -14.68 9.26 13.16
N VAL A 327 -14.30 10.53 13.03
CA VAL A 327 -12.90 10.92 13.20
C VAL A 327 -12.46 10.64 14.63
N ALA A 328 -13.32 11.00 15.58
CA ALA A 328 -13.04 10.81 17.00
C ALA A 328 -12.81 9.34 17.32
N GLU A 329 -13.61 8.46 16.71
CA GLU A 329 -13.47 7.04 16.95
C GLU A 329 -12.13 6.53 16.43
N ARG A 330 -11.78 6.94 15.21
CA ARG A 330 -10.53 6.48 14.60
C ARG A 330 -9.23 6.96 15.24
N VAL A 331 -9.24 8.09 15.94
CA VAL A 331 -8.01 8.53 16.57
C VAL A 331 -7.76 7.80 17.90
N LYS A 332 -8.80 7.15 18.42
CA LYS A 332 -8.68 6.44 19.69
C LYS A 332 -7.50 5.45 19.76
N PRO A 333 -7.36 4.57 18.76
CA PRO A 333 -6.24 3.63 18.80
C PRO A 333 -4.89 4.34 18.86
N PHE A 334 -4.83 5.52 18.24
CA PHE A 334 -3.59 6.30 18.22
C PHE A 334 -3.34 6.98 19.56
N LEU A 335 -4.41 7.40 20.23
CA LEU A 335 -4.26 8.02 21.54
C LEU A 335 -3.74 6.97 22.50
N ARG A 336 -4.37 5.79 22.48
CA ARG A 336 -3.96 4.69 23.37
C ARG A 336 -2.49 4.34 23.12
N GLU A 337 -2.11 4.27 21.85
CA GLU A 337 -0.74 3.94 21.49
C GLU A 337 0.23 4.96 22.06
N ALA A 338 -0.19 6.22 22.09
CA ALA A 338 0.63 7.29 22.63
C ALA A 338 0.56 7.30 24.15
N GLY A 339 -0.25 6.40 24.70
CA GLY A 339 -0.42 6.31 26.13
C GLY A 339 -1.24 7.44 26.71
N LEU A 340 -2.33 7.78 26.02
CA LEU A 340 -3.20 8.86 26.45
C LEU A 340 -4.65 8.43 26.61
N SER A 341 -5.36 9.06 27.53
CA SER A 341 -6.76 8.76 27.77
C SER A 341 -7.59 10.02 27.60
N TRP A 342 -8.91 9.89 27.66
CA TRP A 342 -9.80 11.03 27.52
C TRP A 342 -10.93 10.94 28.55
N GLU A 343 -11.10 12.02 29.31
CA GLU A 343 -12.13 12.11 30.34
C GLU A 343 -13.50 11.63 29.88
N SER A 344 -13.89 12.06 28.68
CA SER A 344 -15.20 11.68 28.14
C SER A 344 -15.24 11.85 26.63
N GLU A 345 -16.28 11.30 26.02
CA GLU A 345 -16.45 11.37 24.57
C GLU A 345 -16.73 12.81 24.15
N ALA A 346 -17.45 13.55 24.99
CA ALA A 346 -17.77 14.93 24.70
C ALA A 346 -16.48 15.76 24.64
N TYR A 347 -15.57 15.47 25.56
CA TYR A 347 -14.29 16.19 25.60
C TYR A 347 -13.44 15.83 24.37
N LEU A 348 -13.42 14.56 24.02
CA LEU A 348 -12.65 14.10 22.88
C LEU A 348 -13.17 14.76 21.60
N ARG A 349 -14.50 14.78 21.45
CA ARG A 349 -15.12 15.38 20.28
C ARG A 349 -14.66 16.82 20.11
N ARG A 350 -14.63 17.56 21.22
CA ARG A 350 -14.22 18.96 21.21
C ARG A 350 -12.76 19.10 20.78
N ALA A 351 -11.89 18.28 21.35
CA ALA A 351 -10.46 18.30 21.02
C ALA A 351 -10.25 18.02 19.54
N VAL A 352 -11.00 17.06 19.01
CA VAL A 352 -10.90 16.70 17.60
C VAL A 352 -11.38 17.86 16.75
N GLU A 353 -12.46 18.49 17.18
CA GLU A 353 -13.03 19.63 16.47
C GLU A 353 -12.01 20.77 16.37
N LEU A 354 -11.35 21.07 17.49
CA LEU A 354 -10.36 22.13 17.50
C LEU A 354 -9.13 21.82 16.66
N MET A 355 -8.73 20.55 16.64
CA MET A 355 -7.55 20.12 15.88
C MET A 355 -7.78 19.70 14.44
N ARG A 356 -9.03 19.37 14.12
CA ARG A 356 -9.38 18.92 12.78
C ARG A 356 -8.73 19.67 11.61
N PRO A 357 -8.63 21.01 11.70
CA PRO A 357 -8.01 21.75 10.59
C PRO A 357 -6.48 21.67 10.60
N ARG A 358 -5.92 21.04 11.62
CA ARG A 358 -4.47 20.99 11.77
C ARG A 358 -3.73 19.66 11.54
N PHE A 359 -4.43 18.57 11.26
CA PHE A 359 -3.71 17.33 11.04
C PHE A 359 -4.21 16.58 9.80
N ASP A 360 -3.28 15.95 9.08
CA ASP A 360 -3.63 15.22 7.87
C ASP A 360 -3.64 13.71 8.08
N THR A 361 -3.02 13.24 9.17
CA THR A 361 -3.01 11.81 9.47
C THR A 361 -3.47 11.60 10.91
N LEU A 362 -4.03 10.44 11.20
CA LEU A 362 -4.53 10.15 12.55
C LEU A 362 -3.42 10.16 13.60
N LYS A 363 -2.23 9.76 13.19
CA LYS A 363 -1.09 9.71 14.11
C LYS A 363 -0.64 11.12 14.52
N GLU A 364 -0.90 12.12 13.69
CA GLU A 364 -0.50 13.49 14.01
C GLU A 364 -1.35 14.11 15.11
N PHE A 365 -2.57 13.62 15.28
CA PHE A 365 -3.46 14.17 16.29
C PHE A 365 -2.91 14.07 17.71
N PRO A 366 -2.57 12.85 18.18
CA PRO A 366 -2.02 12.72 19.53
C PRO A 366 -0.71 13.48 19.68
N GLU A 367 0.07 13.50 18.60
CA GLU A 367 1.35 14.18 18.57
C GLU A 367 1.24 15.69 18.69
N LYS A 368 0.29 16.27 17.97
CA LYS A 368 0.10 17.71 17.99
C LYS A 368 -0.80 18.24 19.10
N ALA A 369 -1.61 17.38 19.70
CA ALA A 369 -2.52 17.82 20.75
C ALA A 369 -2.31 17.09 22.08
N ARG A 370 -1.10 16.56 22.29
CA ARG A 370 -0.79 15.83 23.51
C ARG A 370 -1.17 16.61 24.78
N TYR A 371 -0.86 17.91 24.80
CA TYR A 371 -1.15 18.75 25.96
C TYR A 371 -2.63 18.83 26.33
N LEU A 372 -3.50 18.34 25.46
CA LEU A 372 -4.93 18.36 25.75
C LEU A 372 -5.38 17.15 26.55
N PHE A 373 -4.54 16.12 26.60
CA PHE A 373 -4.90 14.90 27.30
C PHE A 373 -4.02 14.55 28.49
N THR A 374 -2.95 15.31 28.68
CA THR A 374 -2.05 15.06 29.80
C THR A 374 -1.20 16.27 30.15
N GLU A 375 -0.56 16.21 31.31
CA GLU A 375 0.31 17.29 31.77
C GLU A 375 1.73 16.95 31.33
N ASP A 376 1.95 15.71 30.96
CA ASP A 376 3.27 15.27 30.52
C ASP A 376 3.44 15.51 29.02
N TYR A 377 3.50 16.78 28.63
CA TYR A 377 3.67 17.14 27.24
C TYR A 377 5.01 17.84 27.08
N PRO A 378 5.61 17.74 25.89
CA PRO A 378 6.91 18.38 25.63
C PRO A 378 6.80 19.89 25.41
N VAL A 379 7.85 20.60 25.80
CA VAL A 379 7.90 22.04 25.64
C VAL A 379 9.02 22.35 24.67
N SER A 380 8.67 22.86 23.49
CA SER A 380 9.66 23.16 22.48
C SER A 380 10.68 24.19 22.97
N GLU A 381 11.83 24.20 22.33
CA GLU A 381 12.92 25.11 22.67
C GLU A 381 12.49 26.52 22.32
N LYS A 382 11.76 26.65 21.21
CA LYS A 382 11.28 27.94 20.76
C LYS A 382 10.19 28.47 21.69
N ALA A 383 9.34 27.58 22.18
CA ALA A 383 8.26 27.98 23.08
C ALA A 383 8.82 28.38 24.44
N GLN A 384 9.86 27.69 24.89
CA GLN A 384 10.48 27.99 26.17
C GLN A 384 11.08 29.38 26.16
N ARG A 385 11.83 29.69 25.11
CA ARG A 385 12.46 31.00 24.99
C ARG A 385 11.40 32.11 24.94
N LYS A 386 10.28 31.84 24.27
CA LYS A 386 9.22 32.84 24.18
C LYS A 386 8.55 33.02 25.53
N LEU A 387 8.42 31.92 26.27
CA LEU A 387 7.81 31.98 27.60
C LEU A 387 8.69 32.83 28.51
N GLU A 388 10.00 32.63 28.40
CA GLU A 388 10.96 33.36 29.22
C GLU A 388 10.89 34.87 28.93
N GLU A 389 10.82 35.20 27.64
CA GLU A 389 10.74 36.59 27.21
C GLU A 389 9.51 37.30 27.76
N GLY A 390 8.38 36.60 27.79
CA GLY A 390 7.15 37.20 28.28
C GLY A 390 6.80 36.88 29.72
N LEU A 391 7.70 36.21 30.43
CA LEU A 391 7.42 35.82 31.81
C LEU A 391 6.95 36.98 32.71
N PRO A 392 7.66 38.12 32.66
CA PRO A 392 7.21 39.24 33.50
C PRO A 392 5.79 39.67 33.18
N LEU A 393 5.39 39.58 31.91
CA LEU A 393 4.04 39.96 31.52
C LEU A 393 3.04 38.95 32.07
N LEU A 394 3.38 37.66 31.96
CA LEU A 394 2.51 36.61 32.45
C LEU A 394 2.36 36.69 33.96
N LYS A 395 3.47 36.98 34.63
CA LYS A 395 3.48 37.09 36.08
C LYS A 395 2.44 38.12 36.53
N GLU A 396 2.43 39.26 35.86
CA GLU A 396 1.48 40.34 36.19
C GLU A 396 0.05 39.96 35.80
N LEU A 397 -0.09 39.17 34.74
CA LEU A 397 -1.40 38.74 34.26
C LEU A 397 -2.05 37.70 35.16
N TYR A 398 -1.24 36.80 35.72
CA TYR A 398 -1.73 35.74 36.56
C TYR A 398 -2.83 36.16 37.56
N PRO A 399 -2.57 37.24 38.32
CA PRO A 399 -3.58 37.70 39.29
C PRO A 399 -4.93 38.03 38.63
N ARG A 400 -4.89 38.62 37.45
CA ARG A 400 -6.12 38.98 36.74
C ARG A 400 -6.93 37.72 36.41
N LEU A 401 -6.25 36.70 35.90
CA LEU A 401 -6.88 35.45 35.53
C LEU A 401 -7.46 34.74 36.74
N ARG A 402 -6.73 34.80 37.85
CA ARG A 402 -7.18 34.15 39.08
C ARG A 402 -8.44 34.83 39.60
N ALA A 403 -8.52 36.14 39.40
CA ALA A 403 -9.68 36.90 39.86
C ALA A 403 -10.74 36.98 38.77
N GLN A 404 -10.53 36.26 37.68
CA GLN A 404 -11.46 36.26 36.56
C GLN A 404 -12.63 35.31 36.82
N GLU A 405 -13.82 35.88 36.94
CA GLU A 405 -15.03 35.10 37.19
C GLU A 405 -15.59 34.52 35.90
N GLU A 406 -15.70 35.37 34.87
CA GLU A 406 -16.24 34.96 33.58
C GLU A 406 -15.16 34.22 32.79
N TRP A 407 -15.23 32.89 32.78
CA TRP A 407 -14.25 32.08 32.08
C TRP A 407 -14.78 31.52 30.75
N THR A 408 -14.77 32.37 29.74
CA THR A 408 -15.23 32.00 28.40
C THR A 408 -14.28 32.60 27.37
N GLU A 409 -14.33 32.09 26.14
CA GLU A 409 -13.47 32.58 25.08
C GLU A 409 -13.53 34.10 24.95
N ALA A 410 -14.75 34.63 24.88
CA ALA A 410 -14.96 36.06 24.73
C ALA A 410 -14.49 36.87 25.93
N ALA A 411 -14.79 36.39 27.13
CA ALA A 411 -14.38 37.09 28.34
C ALA A 411 -12.87 37.12 28.49
N LEU A 412 -12.24 35.96 28.27
CA LEU A 412 -10.79 35.85 28.37
C LEU A 412 -10.13 36.74 27.33
N GLU A 413 -10.69 36.76 26.13
CA GLU A 413 -10.18 37.58 25.05
C GLU A 413 -10.23 39.04 25.49
N ALA A 414 -11.39 39.45 26.01
CA ALA A 414 -11.58 40.83 26.46
C ALA A 414 -10.58 41.17 27.57
N LEU A 415 -10.32 40.22 28.45
CA LEU A 415 -9.40 40.42 29.58
C LEU A 415 -7.99 40.75 29.06
N LEU A 416 -7.48 39.89 28.18
CA LEU A 416 -6.14 40.09 27.63
C LEU A 416 -6.09 41.35 26.78
N ARG A 417 -7.21 41.69 26.14
CA ARG A 417 -7.26 42.89 25.32
C ARG A 417 -7.03 44.09 26.24
N GLY A 418 -7.80 44.16 27.32
CA GLY A 418 -7.67 45.25 28.26
C GLY A 418 -6.29 45.29 28.90
N PHE A 419 -5.76 44.11 29.24
CA PHE A 419 -4.45 44.03 29.86
C PHE A 419 -3.37 44.57 28.93
N ALA A 420 -3.40 44.17 27.66
CA ALA A 420 -2.40 44.64 26.69
C ALA A 420 -2.42 46.15 26.55
N ALA A 421 -3.62 46.72 26.46
CA ALA A 421 -3.77 48.17 26.34
C ALA A 421 -3.21 48.81 27.61
N GLU A 422 -3.52 48.21 28.75
CA GLU A 422 -3.05 48.70 30.03
C GLU A 422 -1.52 48.71 30.10
N LYS A 423 -0.89 47.71 29.51
CA LYS A 423 0.57 47.61 29.53
C LYS A 423 1.23 48.27 28.34
N GLY A 424 0.43 48.83 27.44
CA GLY A 424 0.99 49.50 26.26
C GLY A 424 1.63 48.55 25.26
N VAL A 425 1.14 47.31 25.20
CA VAL A 425 1.66 46.33 24.27
C VAL A 425 0.54 45.76 23.41
N LYS A 426 0.92 45.15 22.29
CA LYS A 426 -0.08 44.54 21.41
C LYS A 426 -0.51 43.21 22.01
N LEU A 427 -1.74 42.81 21.73
CA LEU A 427 -2.29 41.55 22.23
C LEU A 427 -1.35 40.37 21.99
N GLY A 428 -0.75 40.34 20.80
CA GLY A 428 0.15 39.27 20.45
C GLY A 428 1.33 39.07 21.39
N GLN A 429 1.80 40.16 21.98
CA GLN A 429 2.94 40.09 22.91
C GLN A 429 2.58 39.34 24.17
N VAL A 430 1.30 39.35 24.52
CA VAL A 430 0.82 38.66 25.71
C VAL A 430 0.36 37.25 25.34
N ALA A 431 -0.38 37.16 24.25
CA ALA A 431 -0.92 35.90 23.77
C ALA A 431 0.09 34.77 23.55
N GLN A 432 1.21 35.07 22.90
CA GLN A 432 2.21 34.04 22.62
C GLN A 432 2.87 33.42 23.86
N PRO A 433 3.28 34.26 24.82
CA PRO A 433 3.91 33.68 26.03
C PRO A 433 2.89 32.79 26.72
N LEU A 434 1.65 33.25 26.78
CA LEU A 434 0.58 32.50 27.43
C LEU A 434 0.34 31.16 26.75
N ARG A 435 0.42 31.13 25.42
CA ARG A 435 0.21 29.90 24.66
C ARG A 435 1.30 28.89 25.04
N ALA A 436 2.53 29.36 25.10
CA ALA A 436 3.65 28.50 25.45
C ALA A 436 3.46 27.89 26.82
N ALA A 437 3.04 28.70 27.78
CA ALA A 437 2.83 28.24 29.16
C ALA A 437 1.75 27.17 29.28
N LEU A 438 0.63 27.37 28.59
CA LEU A 438 -0.48 26.44 28.65
C LEU A 438 -0.39 25.20 27.76
N THR A 439 0.46 25.25 26.74
CA THR A 439 0.55 24.13 25.81
C THR A 439 1.94 23.61 25.49
N GLY A 440 2.96 24.38 25.84
CA GLY A 440 4.33 23.97 25.56
C GLY A 440 4.64 24.12 24.08
N SER A 441 3.71 24.72 23.34
CA SER A 441 3.87 24.92 21.90
C SER A 441 3.49 26.32 21.43
N LEU A 442 4.05 26.73 20.30
CA LEU A 442 3.75 28.05 19.75
C LEU A 442 2.76 27.94 18.60
N GLU A 443 2.35 26.71 18.29
CA GLU A 443 1.38 26.49 17.22
C GLU A 443 0.29 25.55 17.68
N THR A 444 -0.87 26.12 17.91
CA THR A 444 -2.03 25.37 18.39
C THR A 444 -3.27 26.10 17.86
N PRO A 445 -4.47 25.56 18.14
CA PRO A 445 -5.66 26.25 17.66
C PRO A 445 -5.91 27.49 18.52
N GLY A 446 -7.02 28.18 18.25
CA GLY A 446 -7.36 29.38 18.99
C GLY A 446 -6.94 29.38 20.45
N LEU A 447 -6.04 30.30 20.79
CA LEU A 447 -5.54 30.41 22.15
C LEU A 447 -6.68 30.50 23.18
N PHE A 448 -7.69 31.31 22.88
CA PHE A 448 -8.80 31.50 23.79
C PHE A 448 -9.74 30.31 23.89
N GLU A 449 -9.80 29.50 22.84
CA GLU A 449 -10.66 28.32 22.86
C GLU A 449 -9.98 27.26 23.74
N ILE A 450 -8.66 27.22 23.68
CA ILE A 450 -7.86 26.28 24.47
C ILE A 450 -7.84 26.67 25.94
N LEU A 451 -7.73 27.96 26.20
CA LEU A 451 -7.69 28.49 27.56
C LEU A 451 -8.99 28.28 28.33
N ALA A 452 -10.08 28.09 27.60
CA ALA A 452 -11.39 27.90 28.24
C ALA A 452 -11.81 26.45 28.26
N LEU A 453 -11.19 25.63 27.42
CA LEU A 453 -11.52 24.21 27.34
C LEU A 453 -11.42 23.46 28.67
N LEU A 454 -10.23 23.49 29.28
CA LEU A 454 -10.01 22.78 30.54
C LEU A 454 -10.83 23.36 31.71
N GLY A 455 -10.86 24.68 31.81
CA GLY A 455 -11.59 25.31 32.89
C GLY A 455 -10.64 26.18 33.70
N LYS A 456 -11.18 27.21 34.36
CA LYS A 456 -10.37 28.12 35.15
C LYS A 456 -9.33 27.43 36.04
N GLU A 457 -9.82 26.66 37.02
CA GLU A 457 -8.95 25.97 37.95
C GLU A 457 -7.87 25.11 37.29
N ARG A 458 -8.29 24.25 36.37
CA ARG A 458 -7.34 23.38 35.69
C ARG A 458 -6.35 24.19 34.85
N ALA A 459 -6.80 25.33 34.34
CA ALA A 459 -5.94 26.20 33.54
C ALA A 459 -4.94 26.92 34.44
N LEU A 460 -5.44 27.48 35.54
CA LEU A 460 -4.58 28.20 36.48
C LEU A 460 -3.50 27.28 37.02
N ARG A 461 -3.89 26.05 37.38
CA ARG A 461 -2.95 25.07 37.91
C ARG A 461 -1.75 24.91 36.98
N ARG A 462 -2.02 24.64 35.71
CA ARG A 462 -0.96 24.45 34.73
C ARG A 462 -0.13 25.71 34.52
N LEU A 463 -0.77 26.86 34.67
CA LEU A 463 -0.09 28.14 34.48
C LEU A 463 0.91 28.40 35.61
N GLU A 464 0.48 28.10 36.84
CA GLU A 464 1.33 28.29 38.00
C GLU A 464 2.60 27.46 37.85
N ARG A 465 2.42 26.25 37.31
CA ARG A 465 3.52 25.33 37.07
C ARG A 465 4.53 25.96 36.12
N ALA A 466 4.01 26.62 35.09
CA ALA A 466 4.86 27.28 34.10
C ALA A 466 5.53 28.51 34.67
N LEU A 467 4.86 29.18 35.60
CA LEU A 467 5.39 30.38 36.23
C LEU A 467 6.35 30.07 37.36
N ALA A 468 6.24 28.85 37.90
CA ALA A 468 7.10 28.42 39.00
C ALA A 468 8.53 28.23 38.51
MG MG B . 10.40 -5.46 -7.97
PG ATP C . 12.46 -4.09 -5.84
O1G ATP C . 12.14 -4.86 -7.12
O2G ATP C . 12.90 -2.68 -6.18
O3G ATP C . 13.58 -4.80 -5.10
PB ATP C . 9.67 -3.68 -5.44
O1B ATP C . 9.64 -3.89 -6.92
O2B ATP C . 9.31 -2.36 -4.88
O3B ATP C . 11.15 -4.05 -4.88
PA ATP C . 8.66 -6.33 -5.23
O1A ATP C . 9.70 -6.50 -6.29
O2A ATP C . 8.74 -7.15 -4.00
O3A ATP C . 8.69 -4.78 -4.75
O5' ATP C . 7.21 -6.51 -5.87
C5' ATP C . 6.07 -6.71 -5.04
C4' ATP C . 4.81 -6.58 -5.86
O4' ATP C . 4.58 -5.17 -6.13
C3' ATP C . 4.81 -7.28 -7.21
O3' ATP C . 3.51 -7.76 -7.52
C2' ATP C . 5.22 -6.16 -8.17
O2' ATP C . 4.78 -6.36 -9.49
C1' ATP C . 4.52 -4.96 -7.54
N9 ATP C . 5.19 -3.68 -7.82
C8 ATP C . 6.46 -3.33 -7.49
N7 ATP C . 6.79 -2.11 -7.84
C5 ATP C . 5.64 -1.63 -8.46
C6 ATP C . 5.33 -0.40 -9.04
N6 ATP C . 6.19 0.63 -9.10
N1 ATP C . 4.09 -0.24 -9.59
C2 ATP C . 3.24 -1.28 -9.51
N3 ATP C . 3.41 -2.48 -8.97
C4 ATP C . 4.65 -2.60 -8.46
#